data_3IYA
#
_entry.id   3IYA
#
_cell.length_a   1.000
_cell.length_b   1.000
_cell.length_c   1.000
_cell.angle_alpha   90.00
_cell.angle_beta   90.00
_cell.angle_gamma   90.00
#
loop_
_entity.id
_entity.type
_entity.pdbx_description
1 polymer 'Envelope protein'
2 polymer 'prM protein'
#
loop_
_entity_poly.entity_id
_entity_poly.type
_entity_poly.pdbx_seq_one_letter_code
_entity_poly.pdbx_strand_id
1 'polypeptide(L)'
;MRCIGISNRDFVEGVSGGSWVDIVLEHGSCVTTMAKNKPTLDFELIKTEAKQPATLRKYCIEAKLTNTTTESRCPTQGEP
SLNEEQDKRFVCKHSMVDRGWGNGCGLFGKGGIVTCAMFRCKKNMEGKVVQPENLEYTVVITPHSGEEHAVGNDTGKHGK
EVKITPQSSITEAELTGYGTVTMECSPRTGLDFNEMVLLQMENKAWLVHRQWFLDLPLPWLPGADTQGSNWIQKETLVTF
KNPHAKKQDVVVLGSQEGAMHTALTGATEIQMSSGNLLFTGHLKCRLRMDKLQLKGMSYSMCTGKFKVVKEIAETQHGTI
VIRVQYEGDGSPCKIPFEIMDLEKRHVLGRLITVNPIVTEKDSPVNIEAEPPFGDSYIIIGVEPGQLKLDWFKKG
;
A,B,C
2 'polypeptide(L)'
;FHLTTRNGEPHMIVSRQEKGKSLLFKTEDGVNMCTLMAMDLGELCEDTLTYKCPLLRQNEPEDIDCWCNSTSTWVTYGTC
T
;
D,E,F
#
# COMPACT_ATOMS: atom_id res chain seq x y z
CA ARG A 2 -17.96 -28.10 5.81
CA CYS A 3 -14.17 -27.95 6.27
CA ILE A 4 -13.55 -29.22 2.78
CA GLY A 5 -12.39 -26.34 0.62
CA ILE A 6 -10.77 -24.04 3.56
CA SER A 7 -7.37 -23.74 3.68
CA ASN A 8 -6.74 -23.20 7.34
CA ARG A 9 -8.20 -26.79 8.47
CA ASP A 10 -6.73 -28.93 10.59
CA PHE A 11 -6.78 -32.75 10.72
CA VAL A 12 -7.01 -34.35 14.16
CA GLU A 13 -7.26 -38.17 14.73
CA GLY A 14 -9.00 -39.47 18.01
CA VAL A 15 -7.82 -42.47 20.05
CA SER A 16 -9.58 -45.64 21.21
CA SER A 19 -12.85 -41.62 23.56
CA TRP A 20 -10.96 -38.33 23.87
CA VAL A 21 -9.69 -35.84 21.41
CA ASP A 22 -8.14 -32.54 21.63
CA ILE A 23 -8.90 -29.69 19.22
CA VAL A 24 -8.37 -25.93 18.84
CA LEU A 25 -10.85 -23.66 17.16
CA GLU A 26 -10.56 -20.06 15.99
CA HIS A 27 -12.53 -17.87 13.59
CA GLY A 28 -11.50 -18.79 10.06
CA SER A 29 -10.00 -22.15 11.04
CA CYS A 30 -11.75 -25.50 10.77
CA VAL A 31 -11.06 -28.91 12.20
CA THR A 32 -11.79 -32.41 10.96
CA THR A 33 -11.73 -35.12 13.61
CA MET A 34 -11.28 -38.79 13.15
CA ALA A 35 -11.61 -41.59 15.65
CA LYS A 36 -12.03 -45.08 14.20
CA ASN A 37 -15.29 -46.95 14.45
CA LYS A 38 -16.44 -43.41 14.86
CA PRO A 39 -17.84 -40.76 12.45
CA THR A 40 -15.69 -38.08 10.94
CA LEU A 41 -16.63 -34.63 12.12
CA ASP A 42 -16.00 -31.08 11.02
CA PHE A 43 -15.75 -28.39 13.66
CA GLU A 44 -15.95 -24.65 13.19
CA LEU A 45 -16.24 -21.69 15.55
CA ILE A 46 -18.89 -19.58 13.92
CA LYS A 47 -19.59 -16.86 16.57
CA THR A 48 -18.42 -15.29 19.85
CA GLU A 49 -21.02 -13.32 21.79
CA ALA A 50 -20.56 -10.91 24.69
CA LYS A 51 -23.62 -11.06 26.89
CA GLN A 52 -23.33 -5.10 27.59
CA PRO A 53 -19.67 -5.44 28.62
CA ALA A 54 -18.19 -2.76 30.89
CA THR A 55 -16.60 0.33 29.32
CA LEU A 56 -13.08 1.04 30.60
CA ARG A 57 -12.30 4.41 29.08
CA LYS A 58 -13.82 6.71 26.52
CA TYR A 59 -11.36 8.63 24.33
CA CYS A 60 -12.03 11.80 22.39
CA ILE A 61 -10.54 11.60 18.89
CA GLU A 62 -11.90 14.88 17.50
CA ALA A 63 -12.94 18.09 19.25
CA LYS A 64 -13.99 21.72 18.68
CA LEU A 65 -13.20 24.83 20.73
CA THR A 66 -15.39 27.83 21.62
CA ASN A 67 -15.50 30.80 24.04
CA THR A 68 -11.74 31.30 23.96
CA THR A 69 -11.05 33.70 26.83
CA THR A 70 -7.82 35.21 28.09
CA GLU A 71 -6.74 37.34 31.05
CA SER A 72 -3.29 38.64 32.01
CA ARG A 73 -1.81 40.69 34.84
CA CYS A 74 1.22 42.97 35.19
CA PRO A 75 4.64 42.06 36.54
CA THR A 76 4.64 41.66 40.35
CA GLN A 77 0.88 41.15 40.55
CA GLY A 78 0.57 37.41 40.99
CA GLU A 79 -1.20 34.80 38.87
CA PRO A 80 -4.42 35.79 37.08
CA SER A 81 -7.52 33.58 37.09
CA LEU A 82 -10.70 33.41 35.05
CA ASN A 83 -13.75 31.49 36.35
CA GLU A 84 -13.84 29.07 33.48
CA GLU A 85 -10.82 27.46 35.16
CA GLN A 86 -13.47 26.25 37.60
CA ASP A 87 -15.55 24.63 34.87
CA LYS A 88 -14.45 21.16 33.83
CA ARG A 89 -15.69 21.92 30.30
CA PHE A 90 -12.76 24.28 29.61
CA VAL A 91 -9.12 23.52 29.01
CA CYS A 92 -6.83 26.20 30.44
CA LYS A 93 -3.14 27.00 30.52
CA HIS A 94 -1.09 29.33 32.68
CA SER A 95 1.96 31.06 31.19
CA MET A 96 4.17 34.12 31.52
CA VAL A 97 4.37 36.88 28.91
CA ASP A 98 6.20 40.17 28.36
CA ARG A 99 4.42 43.27 29.60
CA GLY A 100 5.36 46.92 29.89
CA TRP A 101 4.30 50.41 28.88
CA GLY A 102 2.58 49.74 25.60
CA ASN A 103 0.08 47.24 27.03
CA GLY A 104 -0.80 49.05 30.26
CA CYS A 105 1.80 48.12 32.85
CA GLY A 106 3.89 50.24 35.18
CA LEU A 107 7.16 48.38 34.63
CA PHE A 108 8.72 46.14 31.99
CA GLY A 109 8.78 42.50 32.96
CA LYS A 110 7.04 39.14 32.71
CA GLY A 111 3.37 39.21 33.67
CA GLY A 112 1.09 36.29 34.33
CA ILE A 113 -1.33 35.13 31.66
CA VAL A 114 -4.02 32.45 31.50
CA THR A 115 -6.33 31.37 28.66
CA CYS A 116 -9.29 28.98 28.63
CA ALA A 117 -11.41 27.51 25.82
CA MET A 118 -14.53 25.38 26.02
CA PHE A 119 -13.66 21.88 24.78
CA ARG A 120 -16.43 19.91 23.00
CA CYS A 121 -15.91 16.32 21.85
CA LYS A 122 -17.29 15.55 18.36
CA LYS A 123 -16.04 11.96 17.91
CA ASN A 124 -14.96 9.45 20.53
CA MET A 125 -13.90 5.81 20.67
CA GLU A 126 -14.65 3.31 23.44
CA GLY A 127 -12.54 0.57 24.99
CA LYS A 128 -14.57 -2.23 26.56
CA VAL A 129 -13.53 -5.03 28.90
CA VAL A 130 -15.33 -8.30 28.15
CA GLN A 131 -15.25 -11.04 30.78
CA PRO A 132 -18.15 -11.21 27.15
CA GLU A 133 -14.95 -17.00 30.64
CA ASN A 134 -18.24 -15.13 30.37
CA LEU A 135 -18.32 -14.97 26.50
CA GLU A 136 -20.59 -17.36 24.70
CA TYR A 137 -19.29 -19.35 21.80
CA THR A 138 -21.19 -20.89 18.94
CA VAL A 139 -19.70 -23.95 17.21
CA VAL A 140 -20.94 -25.92 14.24
CA ILE A 141 -20.41 -29.64 14.02
CA THR A 142 -20.92 -31.14 10.56
CA PRO A 143 -20.52 -34.95 10.34
CA HIS A 144 -19.05 -36.41 7.12
CA SER A 145 -22.34 -37.96 6.07
CA GLY A 146 -21.44 -37.67 2.38
CA GLU A 147 -24.71 -35.92 1.51
CA GLU A 148 -24.93 -34.69 -2.12
CA HIS A 149 -24.60 -31.09 -0.94
CA ALA A 150 -22.57 -31.46 2.29
CA VAL A 151 -19.10 -30.54 0.90
CA GLY A 152 -18.02 -27.16 2.26
CA ASN A 153 -21.61 -26.06 2.61
CA ASP A 154 -21.42 -22.73 4.46
CA THR A 155 -25.06 -22.60 5.48
CA GLY A 156 -25.34 -24.58 8.67
CA LYS A 157 -28.19 -26.89 7.80
CA HIS A 158 -25.86 -29.86 7.51
CA GLY A 159 -24.71 -29.29 11.04
CA LYS A 160 -25.68 -28.76 14.62
CA GLU A 161 -24.96 -25.43 16.20
CA VAL A 162 -23.70 -25.63 19.73
CA LYS A 163 -23.28 -22.83 22.25
CA ILE A 164 -20.47 -23.29 24.70
CA THR A 165 -21.17 -21.25 27.72
CA PRO A 166 -17.91 -20.66 29.55
CA GLN A 167 -20.33 -20.15 32.20
CA SER A 168 -22.85 -22.41 32.41
CA SER A 169 -20.59 -25.25 31.39
CA ILE A 170 -19.86 -28.39 29.43
CA THR A 171 -22.05 -28.72 26.35
CA GLU A 172 -23.54 -31.99 25.06
CA ALA A 173 -24.62 -32.68 21.46
CA GLU A 174 -27.26 -34.56 19.56
CA LEU A 175 -25.78 -35.78 16.31
CA THR A 176 -28.92 -37.20 14.75
CA GLY A 177 -28.53 -40.79 13.58
CA TYR A 178 -25.01 -40.74 15.01
CA GLY A 179 -25.61 -40.37 18.70
CA THR A 180 -24.15 -37.86 21.06
CA VAL A 181 -20.85 -36.09 21.52
CA THR A 182 -19.53 -33.88 24.31
CA MET A 183 -17.48 -30.71 24.61
CA GLU A 184 -15.39 -28.95 27.23
CA CYS A 185 -13.48 -25.92 26.01
CA SER A 186 -11.11 -23.36 27.41
CA PRO A 187 -11.00 -19.77 26.13
CA ARG A 188 -7.40 -19.25 25.21
CA THR A 189 -5.42 -16.27 23.85
CA GLY A 190 -2.15 -14.48 24.12
CA LEU A 191 -6.62 -11.47 24.67
CA ASP A 192 -7.43 -10.72 28.28
CA PHE A 193 -9.46 -11.18 27.63
CA ASN A 194 -7.22 -11.07 30.68
CA GLU A 195 -4.75 -8.49 29.37
CA MET A 196 -6.65 -7.15 26.37
CA VAL A 197 -9.34 -4.61 25.50
CA LEU A 198 -11.84 -4.21 22.69
CA LEU A 199 -11.51 -0.87 20.94
CA GLN A 200 -14.73 0.29 19.29
CA MET A 201 -14.44 2.99 16.65
CA GLU A 202 -17.54 3.56 14.51
CA ASN A 203 -19.34 0.20 14.29
CA LYS A 204 -15.98 -1.61 14.10
CA ALA A 205 -13.74 -3.00 16.84
CA TRP A 206 -10.19 -4.23 17.44
CA LEU A 207 -8.31 -6.37 19.96
CA VAL A 208 -5.61 -4.40 21.82
CA HIS A 209 -3.33 -4.70 24.86
CA ARG A 210 -4.42 -3.01 28.07
CA GLN A 211 -1.40 -0.78 28.79
CA TRP A 212 -1.21 0.30 25.14
CA PHE A 213 -4.84 1.39 25.33
CA LEU A 214 -4.49 3.32 28.59
CA ASP A 215 -1.42 5.24 27.42
CA LEU A 216 -2.93 6.65 24.23
CA PRO A 217 -2.24 10.43 24.08
CA LEU A 218 -5.90 11.47 23.97
CA PRO A 219 -8.55 13.00 26.27
CA TRP A 220 -10.49 10.42 28.27
CA LEU A 221 -13.43 9.76 30.55
CA PRO A 222 -13.94 6.76 32.86
CA GLY A 223 -16.63 4.23 31.89
CA ALA A 224 -18.92 5.25 34.73
CA ASP A 225 -19.25 8.65 33.04
CA THR A 226 -22.47 9.59 31.23
CA GLN A 227 -22.48 13.36 30.77
CA GLY A 228 -19.37 13.40 28.58
CA SER A 229 -18.39 16.96 29.55
CA ASN A 230 -15.35 16.69 31.82
CA TRP A 231 -12.63 15.25 29.64
CA ILE A 232 -9.36 14.56 31.42
CA GLN A 233 -6.06 15.41 29.75
CA LYS A 234 -7.69 17.73 27.17
CA GLU A 235 -4.34 19.34 26.46
CA THR A 236 -3.68 16.32 24.22
CA LEU A 237 -5.83 17.75 21.39
CA VAL A 238 -5.11 21.38 22.10
CA THR A 239 -2.24 23.67 21.24
CA PHE A 240 -1.75 26.95 23.08
CA LYS A 241 0.32 29.19 20.80
CA ASN A 242 2.86 31.69 22.15
CA PRO A 243 0.95 34.38 24.07
CA HIS A 244 0.90 38.13 23.55
CA ALA A 245 0.45 40.83 26.17
CA LYS A 246 -3.39 40.49 26.35
CA LYS A 247 -4.45 37.62 24.08
CA GLN A 248 -3.40 34.12 23.09
CA ASP A 249 -4.58 31.71 20.41
CA VAL A 250 -5.57 28.12 21.06
CA VAL A 251 -5.92 25.61 18.25
CA VAL A 252 -7.30 22.10 18.44
CA LEU A 253 -5.58 19.29 16.52
CA GLY A 254 -7.59 17.75 13.70
CA SER A 255 -9.38 14.41 13.84
CA GLN A 256 -7.18 11.64 15.22
CA GLU A 257 -9.31 8.97 13.54
CA GLY A 258 -7.02 8.27 10.60
CA ALA A 259 -4.04 8.30 12.97
CA MET A 260 -5.83 5.60 14.93
CA HIS A 261 -6.51 3.44 11.86
CA THR A 262 -2.73 3.59 11.43
CA ALA A 263 -1.74 2.48 14.93
CA LEU A 264 -4.34 -0.25 14.42
CA THR A 265 -2.41 -1.91 11.61
CA GLY A 266 -2.07 -5.65 12.12
CA ALA A 267 -4.56 -5.40 14.97
CA THR A 268 -7.04 -8.28 15.19
CA GLU A 269 -10.26 -6.86 13.74
CA ILE A 270 -13.27 -8.05 15.74
CA GLN A 271 -16.67 -8.52 14.13
CA MET A 272 -19.70 -6.91 15.78
CA SER A 273 -23.40 -6.19 15.24
CA SER A 274 -26.27 -4.32 16.89
CA GLY A 275 -23.49 -2.82 18.99
CA ASN A 276 -22.46 -6.21 20.36
CA LEU A 277 -19.03 -7.81 20.06
CA LEU A 278 -18.64 -11.25 18.47
CA PHE A 279 -15.97 -13.89 18.84
CA THR A 280 -9.06 -12.76 18.90
CA GLY A 281 -7.39 -16.02 19.75
CA HIS A 282 -8.15 -19.65 20.37
CA LEU A 283 -10.58 -21.97 22.09
CA LYS A 284 -9.01 -25.25 23.22
CA CYS A 285 -11.50 -28.06 23.53
CA ARG A 286 -11.74 -31.70 24.52
CA LEU A 287 -14.24 -34.01 22.80
CA ARG A 288 -15.53 -37.36 24.03
CA MET A 289 -17.11 -39.63 21.40
CA ASP A 290 -17.87 -42.82 23.36
CA LYS A 291 -21.56 -42.08 23.04
CA LEU A 292 -21.23 -41.74 19.26
CA GLN A 293 -21.43 -44.44 16.62
CA LEU A 294 -20.95 -44.98 12.90
CA LYS A 295 -24.06 -44.94 10.77
CA GLY A 296 -25.14 -48.03 8.87
CA MET A 297 -22.87 -50.74 10.20
CA SER A 298 -25.25 -53.49 9.31
CA TYR A 299 -25.79 -52.30 5.84
CA SER A 300 -25.13 -54.55 2.94
CA MET A 301 -22.20 -54.09 0.65
CA CYS A 302 -23.40 -52.28 -2.48
CA THR A 303 -23.29 -54.82 -5.27
CA GLY A 304 -24.48 -52.63 -8.15
CA LYS A 305 -22.33 -50.21 -10.15
CA PHE A 306 -21.48 -46.58 -9.64
CA LYS A 307 -21.03 -43.64 -11.92
CA VAL A 308 -18.84 -40.61 -11.32
CA VAL A 309 -21.26 -37.72 -11.06
CA LYS A 310 -18.69 -35.11 -10.17
CA GLU A 311 -14.95 -35.58 -10.56
CA ILE A 312 -12.07 -36.43 -8.28
CA ALA A 313 -10.80 -33.01 -7.26
CA GLU A 314 -7.86 -32.43 -4.94
CA THR A 315 -8.16 -30.25 -1.81
CA GLN A 316 -5.43 -27.99 -0.54
CA HIS A 317 -4.29 -30.72 1.84
CA GLY A 318 -3.63 -33.64 -0.41
CA THR A 319 -7.03 -35.20 0.03
CA ILE A 320 -9.33 -35.94 -2.93
CA VAL A 321 -13.11 -35.56 -3.10
CA ILE A 322 -15.31 -37.57 -5.45
CA ARG A 323 -19.06 -37.74 -5.97
CA VAL A 324 -20.58 -40.92 -7.26
CA GLN A 325 -24.05 -42.16 -7.94
CA TYR A 326 -25.28 -45.68 -7.23
CA GLU A 327 -27.21 -47.44 -9.92
CA GLY A 328 -27.42 -50.84 -8.30
CA ASP A 329 -30.49 -52.29 -6.60
CA GLY A 330 -29.43 -52.77 -2.97
CA SER A 331 -29.83 -49.41 -1.13
CA PRO A 332 -29.41 -48.74 1.76
CA CYS A 333 -25.90 -50.14 1.44
CA LYS A 334 -22.18 -49.52 2.14
CA ILE A 335 -19.99 -48.28 -0.70
CA PRO A 336 -17.04 -50.60 -1.58
CA PHE A 337 -14.14 -48.14 -1.49
CA GLU A 338 -10.43 -48.89 -1.60
CA ILE A 339 -7.28 -47.15 -2.75
CA MET A 340 -4.63 -49.45 -4.22
CA ASP A 341 -1.14 -49.16 -5.63
CA LEU A 342 0.11 -49.85 -9.14
CA GLU A 343 0.66 -53.72 -9.01
CA LYS A 344 -3.03 -53.94 -8.17
CA ARG A 345 -2.70 -55.46 -4.68
CA HIS A 346 -1.79 -53.55 -1.52
CA VAL A 347 -4.16 -50.89 -0.04
CA LEU A 348 -2.37 -47.51 0.21
CA GLY A 349 -4.96 -45.00 1.31
CA ARG A 350 -7.31 -44.10 4.12
CA LEU A 351 -10.82 -42.69 3.95
CA ILE A 352 -11.57 -39.37 5.56
CA THR A 353 -15.31 -39.77 4.94
CA VAL A 354 -15.46 -43.05 6.79
CA ASN A 355 -18.09 -45.73 6.17
CA PRO A 356 -19.47 -44.34 2.88
CA ILE A 357 -23.08 -45.49 2.32
CA VAL A 358 -25.75 -45.08 -0.35
CA THR A 359 -29.03 -43.90 1.13
CA GLU A 360 -31.16 -43.39 -2.00
CA LYS A 361 -30.70 -44.62 -5.57
CA ASP A 362 -30.73 -41.16 -7.11
CA SER A 363 -28.97 -39.14 -4.37
CA PRO A 364 -25.22 -38.77 -5.04
CA VAL A 365 -22.66 -39.43 -2.32
CA ASN A 366 -19.53 -37.42 -1.65
CA ILE A 367 -16.41 -39.17 -0.37
CA GLU A 368 -13.16 -37.61 0.77
CA ALA A 369 -10.11 -39.81 0.87
CA GLU A 370 -6.43 -39.43 1.46
CA PRO A 371 -4.52 -41.15 -1.37
CA PRO A 372 -0.81 -41.89 -1.02
CA PHE A 373 1.76 -39.70 -2.72
CA GLY A 374 2.17 -40.29 -6.40
CA ASP A 375 0.36 -42.97 -8.42
CA SER A 376 -2.58 -44.71 -6.86
CA TYR A 377 -5.94 -46.29 -7.67
CA ILE A 378 -9.43 -45.36 -6.65
CA ILE A 379 -11.57 -48.48 -6.92
CA ILE A 380 -15.26 -47.82 -6.37
CA GLY A 381 -17.70 -50.69 -6.13
CA VAL A 382 -17.15 -54.32 -6.93
CA GLU A 383 -16.89 -56.07 -10.28
CA PRO A 384 -18.88 -56.11 -12.64
CA GLY A 385 -18.32 -52.52 -13.82
CA GLN A 386 -16.17 -51.63 -10.88
CA LEU A 387 -14.76 -48.10 -11.20
CA LYS A 388 -10.95 -47.98 -11.30
CA LEU A 389 -9.85 -44.39 -11.31
CA ASP A 390 -6.15 -43.48 -11.58
CA TRP A 391 -4.81 -40.63 -9.46
CA PHE A 392 -1.43 -38.95 -9.01
CA LYS A 393 -0.55 -37.00 -5.93
CA LYS A 394 1.60 -33.89 -5.64
CA GLY A 395 4.81 -33.45 -4.95
CA PHE B 1 -21.88 47.54 18.97
CA HIS B 2 -23.60 45.67 21.82
CA LEU B 3 -22.46 46.93 25.21
CA THR B 4 -22.76 44.67 28.26
CA THR B 5 -20.69 43.85 31.35
CA ARG B 6 -18.18 41.25 32.55
CA ASN B 7 -17.55 41.36 36.31
CA GLY B 8 -18.41 45.06 36.56
CA GLU B 9 -16.29 46.17 33.62
CA PRO B 10 -17.61 47.33 30.24
CA HIS B 11 -17.71 44.54 27.64
CA MET B 12 -18.06 45.05 23.85
CA ILE B 13 -19.58 42.38 21.58
CA VAL B 14 -18.16 43.57 18.27
CA SER B 15 -19.44 42.43 14.88
CA ARG B 16 -18.01 42.29 11.34
CA GLN B 17 -19.71 45.59 10.45
CA GLU B 18 -17.57 47.59 12.89
CA LYS B 19 -14.21 46.58 11.42
CA GLY B 20 -12.12 49.72 10.95
CA LYS B 21 -13.86 52.18 13.22
CA SER B 22 -13.36 53.80 16.62
CA LEU B 23 -15.62 52.33 19.26
CA LEU B 24 -17.21 55.03 21.43
CA PHE B 25 -19.46 54.75 24.46
CA LYS B 26 -20.67 56.97 27.29
CA THR B 27 -18.94 56.58 30.64
CA GLU B 28 -19.49 58.27 34.01
CA ASP B 29 -16.14 59.98 33.54
CA GLY B 30 -16.49 61.01 29.89
CA VAL B 31 -16.54 59.52 26.40
CA ASN B 32 -14.55 56.29 26.18
CA MET B 33 -12.84 55.54 22.88
CA CYS B 34 -11.49 52.04 22.29
CA THR B 35 -9.37 51.14 19.26
CA LEU B 36 -9.64 47.72 17.59
CA MET B 37 -6.81 46.66 15.25
CA ALA B 38 -7.71 42.91 15.25
CA MET B 39 -6.91 41.68 11.71
CA ASP B 40 -8.91 38.49 12.33
CA LEU B 41 -12.19 40.33 13.09
CA GLY B 42 -14.97 38.44 11.30
CA GLU B 43 -18.59 37.32 11.74
CA LEU B 44 -20.05 36.65 15.18
CA CYS B 45 -20.18 32.86 15.47
CA GLU B 46 -19.30 29.96 17.74
CA ASP B 47 -15.68 30.89 17.11
CA THR B 48 -15.44 33.88 19.44
CA LEU B 49 -12.35 35.41 21.00
CA THR B 50 -12.60 37.33 24.30
CA TYR B 51 -9.91 39.49 25.90
CA LYS B 52 -9.21 42.89 27.42
CA CYS B 53 -8.30 46.23 25.85
CA PRO B 54 -6.06 48.02 28.41
CA LEU B 55 -6.11 51.72 29.17
CA LEU B 56 -3.38 53.48 27.15
CA ARG B 57 -2.48 57.16 27.19
CA GLN B 58 0.65 59.12 26.28
CA ASN B 59 2.23 55.78 25.44
CA GLU B 60 2.56 53.80 22.19
CA PRO B 61 0.73 50.42 21.91
CA GLU B 62 2.97 47.35 22.01
CA ASP B 63 2.03 43.72 21.36
CA ILE B 64 -1.74 44.38 21.47
CA ASP B 65 -4.49 44.99 18.92
CA CYS B 66 -7.01 46.61 21.26
CA TRP B 67 -6.81 49.52 23.74
CA CYS B 68 -8.93 52.39 25.12
CA ASN B 69 -8.32 56.08 26.07
CA SER B 70 -10.29 56.32 29.33
CA THR B 71 -11.42 53.04 30.85
CA SER B 72 -10.21 49.47 30.38
CA THR B 73 -12.75 47.41 28.39
CA TRP B 74 -13.41 43.74 27.53
CA VAL B 75 -13.88 42.87 23.85
CA THR B 76 -15.48 39.85 22.17
CA TYR B 77 -15.68 39.06 18.46
CA GLY B 78 -16.00 36.16 16.00
CA THR B 79 -13.59 35.03 13.30
CA CYS B 80 -15.95 33.45 10.74
CA THR B 81 -16.08 34.64 7.12
CA MET C 1 16.68 53.39 22.30
CA ARG C 2 14.47 50.68 20.84
CA CYS C 3 15.97 47.86 22.95
CA ILE C 4 14.77 49.43 26.16
CA GLY C 5 11.81 47.45 27.44
CA ILE C 6 12.72 43.87 25.73
CA SER C 7 13.77 41.33 27.77
CA ASN C 8 16.00 39.35 25.49
CA ARG C 9 18.66 42.33 24.95
CA ASP C 10 21.99 42.05 25.15
CA PHE C 11 24.65 44.55 26.29
CA VAL C 12 27.89 44.64 24.31
CA GLU C 13 30.77 47.15 25.01
CA GLY C 14 33.19 48.09 22.05
CA VAL C 15 36.95 48.61 22.41
CA SER C 16 39.24 51.50 21.52
CA SER C 19 36.94 50.30 16.45
CA TRP C 20 35.55 46.74 16.39
CA VAL C 21 32.70 45.06 18.09
CA ASP C 22 31.14 41.76 17.87
CA ILE C 23 27.38 41.19 18.08
CA VAL C 24 24.78 38.48 17.46
CA LEU C 25 21.29 39.22 16.25
CA GLU C 26 18.19 37.03 16.05
CA HIS C 27 14.46 37.71 15.69
CA GLY C 28 13.15 38.77 19.09
CA SER C 29 16.57 39.65 20.49
CA CYS C 30 18.07 43.14 20.64
CA VAL C 31 21.54 44.43 21.23
CA THR C 32 22.86 47.65 22.75
CA THR C 33 26.44 48.51 21.87
CA MET C 34 28.77 50.78 23.68
CA ALA C 35 32.18 52.04 22.67
CA LYS C 36 33.46 55.10 24.54
CA ASN C 37 33.76 58.45 22.85
CA LYS C 38 31.24 56.76 20.66
CA PRO C 39 27.40 56.75 20.53
CA THR C 40 25.35 54.02 22.09
CA LEU C 41 23.45 52.01 19.54
CA ASP C 42 20.55 49.61 19.54
CA PHE C 43 20.52 46.79 17.01
CA GLU C 44 17.63 44.62 15.98
CA LEU C 45 17.05 42.09 13.19
CA ILE C 46 13.65 43.03 11.90
CA LYS C 47 13.30 40.84 8.73
CA THR C 48 14.77 37.95 6.74
CA GLU C 49 13.80 37.77 3.07
CA ALA C 50 14.22 34.93 0.59
CA LYS C 51 14.71 36.38 -2.86
CA GLN C 52 11.22 32.02 -5.11
CA PRO C 53 13.38 29.42 -3.32
CA ALA C 54 13.55 25.91 -4.79
CA THR C 55 10.98 23.32 -3.69
CA LEU C 56 12.55 20.04 -2.51
CA ARG C 57 9.54 17.79 -2.07
CA LYS C 58 5.80 18.16 -2.06
CA TYR C 59 3.91 15.94 0.41
CA CYS C 60 0.28 14.94 0.26
CA ILE C 61 -1.36 15.21 3.69
CA GLU C 62 -4.95 14.44 2.68
CA ALA C 63 -6.35 12.44 -0.24
CA LYS C 64 -9.54 10.96 -1.72
CA LEU C 65 -10.03 7.71 -3.64
CA THR C 66 -12.23 6.91 -6.65
CA ASN C 67 -12.71 4.24 -9.36
CA THR C 68 -11.81 1.38 -7.02
CA THR C 69 -11.33 -1.60 -9.33
CA THR C 70 -10.43 -5.19 -8.58
CA GLU C 71 -9.56 -8.30 -10.60
CA SER C 72 -8.64 -11.82 -9.44
CA ARG C 73 -7.68 -15.10 -11.09
CA CYS C 74 -7.94 -18.75 -10.10
CA PRO C 75 -5.30 -20.92 -8.50
CA THR C 76 -2.53 -21.90 -10.97
CA GLN C 77 -3.35 -19.09 -13.39
CA GLY C 78 -0.64 -16.56 -12.68
CA GLU C 79 -0.86 -12.95 -11.51
CA PRO C 80 -3.79 -10.83 -12.71
CA SER C 81 -3.36 -7.28 -14.01
CA LEU C 82 -5.66 -4.34 -14.63
CA ASN C 83 -4.58 -1.44 -16.88
CA GLU C 84 -4.83 1.15 -14.17
CA GLU C 85 -1.61 -0.39 -12.83
CA GLN C 86 -0.11 1.41 -15.81
CA ASP C 87 -1.51 4.79 -14.78
CA LYS C 88 0.55 6.66 -12.21
CA ARG C 89 -2.68 8.15 -10.87
CA PHE C 90 -3.73 4.85 -9.25
CA VAL C 91 -2.37 3.08 -6.21
CA CYS C 92 -2.45 -0.70 -6.60
CA LYS C 93 -1.68 -3.76 -4.50
CA HIS C 94 -1.14 -7.39 -5.41
CA SER C 95 -2.24 -10.11 -2.97
CA MET C 96 -3.34 -13.73 -2.77
CA VAL C 97 -6.83 -14.82 -1.76
CA ASP C 98 -8.79 -18.05 -1.26
CA ARG C 99 -10.70 -19.30 -4.29
CA GLY C 100 -12.67 -22.42 -5.08
CA TRP C 101 -16.04 -23.67 -6.22
CA GLY C 102 -18.31 -20.98 -4.87
CA ASN C 103 -16.55 -18.13 -6.66
CA GLY C 104 -15.97 -19.78 -10.04
CA CYS C 105 -12.76 -21.78 -9.81
CA GLY C 106 -11.96 -25.35 -10.73
CA LEU C 107 -9.95 -26.17 -7.63
CA PHE C 108 -9.60 -24.88 -4.08
CA GLY C 109 -6.49 -22.84 -3.50
CA LYS C 110 -4.98 -19.37 -3.37
CA GLY C 111 -5.67 -17.25 -6.43
CA GLY C 112 -4.03 -13.99 -7.41
CA ILE C 113 -5.82 -10.72 -6.77
CA VAL C 114 -5.03 -7.07 -7.52
CA THR C 115 -6.94 -3.87 -6.74
CA CYS C 116 -6.36 -0.28 -7.87
CA ALA C 117 -7.92 3.05 -6.83
CA MET C 118 -7.41 6.51 -8.30
CA PHE C 119 -5.56 8.63 -5.74
CA ARG C 120 -6.34 12.38 -5.68
CA CYS C 121 -4.47 14.76 -3.38
CA LYS C 122 -6.69 17.35 -1.63
CA LYS C 123 -4.13 19.01 0.67
CA ASN C 124 -0.35 19.09 0.40
CA MET C 125 2.57 20.72 2.19
CA GLU C 126 5.81 21.96 0.63
CA GLY C 127 9.39 21.83 1.83
CA LYS C 128 11.61 24.53 0.36
CA VAL C 129 15.39 24.91 0.35
CA VAL C 130 16.51 28.53 0.77
CA GLN C 131 20.10 29.41 -0.08
CA PRO C 132 16.85 32.68 0.57
CA GLU C 133 24.14 33.18 2.18
CA ASN C 134 21.58 34.26 -0.39
CA LEU C 135 18.91 35.48 2.13
CA GLU C 136 18.58 39.19 2.68
CA TYR C 137 18.50 40.57 6.16
CA THR C 138 17.02 43.80 7.39
CA VAL C 139 18.47 45.38 10.55
CA VAL C 140 17.45 48.50 12.42
CA ILE C 141 20.01 50.65 14.14
CA THR C 142 18.60 53.12 16.66
CA PRO C 143 21.17 55.43 18.33
CA HIS C 144 20.58 56.46 21.97
CA SER C 145 19.81 60.06 21.06
CA GLY C 146 17.53 60.46 24.07
CA GLU C 147 14.65 61.81 21.97
CA GLU C 148 11.38 62.33 23.90
CA HIS C 149 9.83 59.36 22.13
CA ALA C 150 12.87 57.18 21.36
CA VAL C 151 12.54 54.66 24.27
CA GLY C 152 11.51 51.26 22.93
CA ASN C 153 9.74 52.86 19.99
CA ASP C 154 8.76 49.92 17.76
CA THR C 155 8.09 51.97 14.64
CA GLY C 156 11.41 52.42 12.93
CA LYS C 157 11.42 56.16 12.44
CA HIS C 158 14.05 56.63 15.12
CA GLY C 159 16.35 54.32 13.26
CA LYS C 160 18.00 53.44 10.01
CA GLU C 161 17.02 50.24 8.30
CA VAL C 162 19.88 48.36 6.77
CA LYS C 163 19.77 45.41 4.40
CA ILE C 164 22.63 43.01 4.70
CA THR C 165 22.98 41.15 1.51
CA PRO C 166 24.90 37.94 2.19
CA GLN C 167 25.45 38.39 -1.38
CA SER C 168 26.24 41.52 -2.42
CA SER C 169 28.28 42.19 0.68
CA ILE C 170 29.38 44.41 3.54
CA THR C 171 26.85 47.12 4.33
CA GLU C 172 27.71 50.70 5.32
CA ALA C 173 25.47 53.07 7.30
CA GLU C 174 24.60 56.72 7.50
CA LEU C 175 23.82 57.58 11.10
CA THR C 176 22.68 61.16 10.58
CA GLY C 177 24.49 63.63 12.81
CA TYR C 178 26.60 60.75 14.12
CA GLY C 179 28.54 59.71 11.07
CA THR C 180 28.88 56.30 9.58
CA VAL C 181 29.11 52.74 10.83
CA THR C 182 29.88 49.47 9.05
CA MET C 183 28.63 45.90 9.14
CA GLU C 184 29.87 42.47 8.14
CA CYS C 185 27.68 39.58 9.22
CA SER C 186 27.67 35.83 8.96
CA PRO C 187 24.43 33.81 8.72
CA ARG C 188 24.72 31.33 11.54
CA THR C 189 22.50 28.47 12.77
CA GLY C 190 22.58 24.99 14.13
CA LEU C 191 19.37 25.86 9.87
CA ASP C 192 20.94 24.72 6.62
CA PHE C 193 20.12 26.62 5.89
CA ASN C 194 22.80 24.03 5.23
CA GLU C 195 21.05 21.08 6.88
CA MET C 196 17.54 22.48 7.26
CA VAL C 197 14.33 22.90 5.26
CA LEU C 198 11.38 25.26 5.44
CA LEU C 199 8.08 23.40 5.75
CA GLN C 200 5.12 25.37 4.41
CA MET C 201 1.68 24.25 5.52
CA GLU C 202 -1.17 26.69 4.77
CA ASN C 203 0.34 30.19 4.86
CA LYS C 204 2.60 29.17 7.77
CA ALA C 205 6.08 27.67 7.81
CA TRP C 206 8.54 25.88 10.11
CA LEU C 207 12.27 25.18 10.30
CA VAL C 208 13.07 21.45 10.15
CA HIS C 209 16.04 19.10 9.66
CA ARG C 210 16.61 17.68 6.19
CA GLN C 211 16.61 13.94 6.93
CA TRP C 212 13.57 14.29 9.19
CA PHE C 213 11.71 15.97 6.34
CA LEU C 214 12.64 13.38 3.72
CA ASP C 215 11.63 10.43 5.89
CA LEU C 216 8.07 11.57 6.61
CA PRO C 217 5.66 8.66 5.93
CA LEU C 218 3.62 10.49 3.28
CA PRO C 219 3.18 10.53 -0.52
CA TRP C 220 5.56 12.88 -2.31
CA LEU C 221 6.48 14.55 -5.56
CA PRO C 222 9.84 16.12 -6.49
CA GLY C 223 10.01 19.91 -6.75
CA ALA C 224 10.37 19.88 -10.53
CA ASP C 225 6.86 18.40 -10.70
CA THR C 226 3.94 20.56 -11.86
CA GLN C 227 1.09 18.23 -12.78
CA GLY C 228 0.70 16.82 -9.28
CA SER C 229 -0.74 13.49 -10.47
CA ASN C 230 1.96 10.87 -9.96
CA TRP C 231 2.45 10.69 -6.22
CA ILE C 232 5.20 8.35 -5.08
CA GLN C 233 4.66 6.11 -2.07
CA LYS C 234 0.87 6.53 -2.14
CA GLU C 235 0.46 3.43 0.01
CA THR C 236 1.27 5.70 2.96
CA LEU C 237 -2.28 7.16 3.03
CA VAL C 238 -4.04 4.04 1.83
CA THR C 239 -5.14 0.87 3.53
CA PHE C 240 -6.00 -2.22 1.51
CA LYS C 241 -8.30 -4.36 3.68
CA ASN C 242 -8.24 -8.16 3.59
CA PRO C 243 -9.47 -9.27 0.16
CA HIS C 244 -12.37 -11.54 -0.75
CA ALA C 245 -12.64 -13.87 -3.73
CA LYS C 246 -13.60 -11.11 -6.23
CA LYS C 247 -13.51 -7.77 -4.42
CA GLN C 248 -11.42 -5.83 -1.92
CA ASP C 249 -11.95 -2.57 -0.06
CA VAL C 250 -9.42 0.25 0.03
CA VAL C 251 -9.67 3.07 2.54
CA VAL C 252 -7.64 6.25 2.67
CA LEU C 253 -6.41 7.57 6.03
CA GLY C 254 -7.89 10.87 7.16
CA SER C 255 -6.14 14.24 6.99
CA GLN C 256 -2.62 14.12 8.38
CA GLU C 257 -2.63 17.86 9.02
CA GLY C 258 -3.28 17.73 12.76
CA ALA C 259 -0.75 14.92 13.06
CA MET C 260 1.74 17.27 11.45
CA HIS C 261 0.98 20.16 13.81
CA THR C 262 1.89 17.65 16.51
CA ALA C 263 5.26 16.56 15.13
CA LEU C 264 5.89 20.29 14.67
CA THR C 265 5.84 21.00 18.40
CA GLY C 266 8.83 23.06 19.50
CA ALA C 267 9.65 23.66 15.85
CA THR C 268 10.90 27.14 15.03
CA GLU C 269 7.89 28.87 13.47
CA ILE C 270 8.97 31.04 10.53
CA GLN C 271 7.07 34.17 9.56
CA MET C 272 6.01 34.63 5.94
CA SER C 273 3.91 36.84 3.67
CA SER C 274 2.72 37.00 0.04
CA GLY C 275 4.02 33.45 -0.07
CA ASN C 276 7.56 34.53 0.77
CA LEU C 277 9.63 33.36 3.73
CA LEU C 278 11.07 35.88 6.21
CA PHE C 279 14.01 35.69 8.57
CA THR C 280 15.65 30.24 12.64
CA GLY C 281 18.98 30.98 14.22
CA HIS C 282 21.58 33.70 14.49
CA LEU C 283 23.45 36.30 12.50
CA LYS C 284 26.94 37.03 13.81
CA CYS C 285 28.19 40.46 12.91
CA ARG C 286 31.21 42.69 13.27
CA LEU C 287 30.80 46.47 13.57
CA ARG C 288 33.43 49.15 13.00
CA MET C 289 32.71 52.58 14.51
CA ASP C 290 35.89 54.54 13.71
CA LYS C 291 33.91 56.67 11.29
CA LEU C 292 31.33 57.45 13.99
CA GLN C 293 31.37 60.24 16.55
CA LEU C 294 29.48 61.49 19.58
CA LYS C 295 27.01 64.28 19.00
CA GLY C 296 27.48 67.66 20.61
CA MET C 297 30.97 67.47 22.07
CA SER C 298 31.44 71.19 22.03
CA TYR C 299 28.18 71.92 23.68
CA SER C 300 28.04 73.89 26.82
CA MET C 301 27.25 72.36 30.16
CA CYS C 302 23.58 73.00 30.91
CA THR C 303 23.52 75.51 33.73
CA GLY C 304 19.76 75.83 34.21
CA LYS C 305 17.55 73.44 36.19
CA PHE C 306 15.72 70.30 35.19
CA LYS C 307 12.39 68.81 36.08
CA VAL C 308 11.50 65.13 36.11
CA VAL C 309 8.88 64.79 33.40
CA LYS C 310 8.56 61.03 33.62
CA GLU C 311 9.90 58.94 36.47
CA ILE C 312 12.97 56.80 37.06
CA ALA C 313 11.75 53.35 36.06
CA GLU C 314 13.86 50.21 36.20
CA THR C 315 14.34 47.96 33.14
CA GLN C 316 14.57 44.20 33.31
CA HIS C 317 18.36 44.44 33.32
CA GLY C 318 19.09 46.66 36.25
CA THR C 319 19.27 49.85 34.24
CA ILE C 320 17.05 52.87 35.03
CA VAL C 321 15.38 55.22 32.55
CA ILE C 322 14.45 58.82 33.39
CA ARG C 323 12.96 61.64 31.36
CA VAL C 324 13.74 65.18 32.30
CA GLN C 325 12.95 68.58 30.91
CA TYR C 326 15.37 71.49 30.80
CA GLU C 327 14.14 74.84 31.95
CA GLY C 328 17.44 76.68 31.81
CA ASP C 329 18.47 79.16 29.12
CA GLY C 330 21.52 77.57 27.49
CA SER C 331 20.32 75.02 24.86
CA PRO C 332 21.88 73.35 22.95
CA CYS C 333 23.83 72.00 25.91
CA LYS C 334 25.13 68.84 27.64
CA ILE C 335 23.20 67.47 30.61
CA PRO C 336 25.20 67.30 33.89
CA PHE C 337 24.60 63.69 34.90
CA GLU C 338 26.31 61.70 37.63
CA ILE C 339 25.46 58.80 39.91
CA MET C 340 26.97 59.00 43.39
CA ASP C 341 27.06 56.91 46.54
CA LEU C 342 25.66 57.67 49.99
CA GLU C 343 28.55 59.80 51.52
CA LYS C 344 27.99 62.17 48.62
CA ARG C 345 31.41 61.80 46.94
CA HIS C 346 32.49 58.89 44.73
CA VAL C 347 30.83 58.26 41.31
CA LEU C 348 29.31 54.74 41.19
CA GLY C 349 27.45 54.48 37.93
CA ARG C 350 27.85 54.55 34.19
CA LEU C 351 25.60 56.07 31.56
CA ILE C 352 24.13 53.85 28.87
CA THR C 353 22.71 56.85 27.00
CA VAL C 354 26.09 58.51 26.71
CA ASN C 355 26.59 62.25 26.31
CA PRO C 356 23.03 63.36 27.20
CA ILE C 357 22.21 66.74 25.61
CA VAL C 358 19.28 69.16 25.57
CA THR C 359 18.32 70.11 22.04
CA GLU C 360 15.21 72.24 22.62
CA LYS C 361 13.87 73.92 25.77
CA ASP C 362 10.52 72.16 25.67
CA SER C 363 11.54 68.75 24.27
CA PRO C 364 12.14 66.18 27.05
CA VAL C 365 15.23 63.99 27.07
CA ASN C 366 15.38 60.33 27.99
CA ILE C 367 18.47 58.94 29.72
CA GLU C 368 19.28 55.35 30.54
CA ALA C 369 21.88 54.70 33.18
CA GLU C 370 23.28 51.75 35.04
CA PRO C 371 23.24 52.52 38.79
CA PRO C 372 25.25 50.40 41.21
CA PHE C 373 23.54 47.76 43.33
CA GLY C 374 21.69 49.08 46.31
CA ASP C 375 21.57 52.73 47.39
CA SER C 376 22.74 55.35 44.98
CA TYR C 377 22.14 58.94 43.87
CA ILE C 378 20.98 60.35 40.60
CA ILE C 379 22.18 63.94 40.41
CA ILE C 380 20.82 65.83 37.43
CA GLY C 381 22.09 69.29 36.60
CA VAL C 382 24.22 71.58 38.70
CA GLU C 383 23.30 73.65 41.74
CA PRO C 384 21.11 75.80 42.08
CA GLY C 385 18.11 73.44 42.07
CA GLN C 386 20.16 70.44 41.16
CA LEU C 387 18.04 67.25 41.14
CA LYS C 388 19.19 64.64 43.65
CA LEU C 389 17.14 61.52 43.20
CA ASP C 390 17.62 58.52 45.49
CA TRP C 391 17.53 55.03 43.98
CA PHE C 392 17.83 51.49 45.32
CA LYS C 393 18.84 48.60 43.14
CA LYS C 394 17.66 45.00 43.31
CA GLY C 395 18.91 42.31 44.80
CA PHE D 1 -29.54 -0.81 -15.54
CA HIS D 2 -27.01 0.66 -17.98
CA LEU D 3 -25.26 -2.06 -19.97
CA THR D 4 -21.85 -1.37 -21.52
CA THR D 5 -18.58 -3.24 -22.02
CA ARG D 6 -15.17 -3.62 -20.36
CA ASN D 7 -12.58 -5.36 -22.56
CA GLY D 8 -15.22 -7.29 -24.49
CA GLU D 9 -17.16 -8.49 -21.46
CA PRO D 10 -20.60 -7.26 -20.40
CA HIS D 11 -20.43 -4.50 -17.76
CA MET D 12 -23.36 -3.35 -15.58
CA ILE D 13 -23.55 0.17 -14.13
CA VAL D 14 -26.03 -0.48 -11.32
CA SER D 15 -27.90 2.25 -9.47
CA ARG D 16 -29.61 2.53 -6.06
CA GLN D 17 -33.03 1.81 -7.64
CA GLU D 18 -32.04 -1.77 -8.58
CA LYS D 19 -31.17 -2.89 -5.06
CA GLY D 20 -32.89 -6.21 -4.40
CA LYS D 21 -33.67 -7.41 -7.90
CA SER D 22 -32.38 -9.92 -10.43
CA LEU D 23 -30.44 -8.30 -13.22
CA LEU D 24 -31.40 -9.71 -16.63
CA PHE D 25 -30.01 -8.99 -20.08
CA LYS D 26 -30.10 -10.56 -23.54
CA THR D 27 -27.05 -12.58 -24.57
CA GLU D 28 -26.19 -14.42 -27.79
CA ASP D 29 -26.51 -17.66 -25.85
CA GLY D 30 -29.70 -16.91 -23.91
CA VAL D 31 -30.98 -14.74 -21.07
CA ASN D 32 -28.24 -13.89 -18.57
CA MET D 33 -29.31 -13.48 -14.94
CA CYS D 34 -26.86 -11.89 -12.51
CA THR D 35 -27.49 -11.74 -8.76
CA LEU D 36 -26.35 -8.76 -6.68
CA MET D 37 -26.19 -9.21 -2.89
CA ALA D 38 -23.96 -6.13 -2.24
CA MET D 39 -25.15 -4.71 1.11
CA ASP D 40 -23.28 -1.45 0.42
CA LEU D 41 -25.15 -0.69 -2.83
CA GLY D 42 -25.99 3.02 -2.80
CA GLU D 43 -26.19 6.07 -5.08
CA LEU D 44 -24.00 6.38 -8.17
CA CYS D 45 -21.29 8.85 -7.22
CA GLU D 46 -17.54 9.43 -7.24
CA ASP D 47 -17.35 6.57 -4.76
CA THR D 48 -17.77 3.69 -7.18
CA LEU D 49 -16.74 0.07 -6.74
CA THR D 50 -15.96 -2.12 -9.79
CA TYR D 51 -15.46 -5.88 -9.84
CA LYS D 52 -16.53 -9.09 -11.55
CA CYS D 53 -19.50 -11.40 -10.97
CA PRO D 54 -18.29 -14.92 -11.85
CA LEU D 55 -20.31 -17.58 -13.61
CA LEU D 56 -21.88 -19.92 -11.04
CA ARG D 57 -24.05 -22.97 -11.69
CA GLN D 58 -24.88 -26.09 -9.68
CA ASN D 59 -22.63 -24.69 -6.97
CA GLU D 60 -23.29 -22.53 -3.88
CA PRO D 61 -21.80 -18.97 -3.78
CA GLU D 62 -18.91 -18.50 -1.39
CA ASP D 63 -17.18 -15.27 -0.36
CA ILE D 64 -18.86 -13.19 -3.11
CA ASP D 65 -21.87 -10.89 -3.34
CA CYS D 66 -22.32 -11.02 -7.11
CA TRP D 67 -22.60 -13.87 -9.64
CA CYS D 68 -24.37 -14.78 -12.91
CA ASN D 69 -26.04 -17.94 -14.36
CA SER D 70 -24.76 -17.83 -17.96
CA THR D 71 -21.94 -15.41 -18.67
CA SER D 72 -19.41 -13.72 -16.38
CA THR D 73 -20.19 -9.99 -16.00
CA TRP D 74 -18.49 -6.85 -14.63
CA VAL D 75 -20.46 -4.74 -12.13
CA THR D 76 -20.05 -1.13 -11.03
CA TYR D 77 -22.01 0.75 -8.36
CA GLY D 78 -21.74 3.67 -5.94
CA THR D 79 -21.90 3.68 -2.14
CA CYS D 80 -23.31 7.17 -1.42
CA THR D 81 -26.52 7.65 0.59
CA MET E 1 4.75 -54.37 -32.08
CA ARG E 2 4.70 -50.58 -32.31
CA CYS E 3 8.15 -50.13 -30.73
CA ILE E 4 9.86 -51.93 -33.55
CA GLY E 5 11.63 -49.39 -35.73
CA ILE E 6 12.22 -46.52 -32.89
CA SER E 7 15.41 -45.99 -31.77
CA ASN E 8 14.84 -44.80 -28.26
CA ARG E 9 13.11 -48.24 -27.03
CA ASP E 10 13.84 -49.89 -24.19
CA PHE E 11 13.77 -53.62 -23.39
CA VAL E 12 12.46 -54.63 -19.97
CA GLU E 13 12.07 -58.32 -18.83
CA GLY E 14 9.38 -59.13 -16.07
CA VAL E 15 9.86 -61.66 -13.26
CA SER E 16 7.86 -64.70 -12.16
CA SER E 19 3.97 -60.56 -11.70
CA TRP E 20 5.65 -57.14 -11.42
CA VAL E 21 7.63 -55.04 -13.77
CA ASP E 22 9.01 -51.66 -13.69
CA ILE E 23 9.03 -49.31 -16.68
CA VAL E 24 9.64 -45.65 -17.55
CA LEU E 25 7.81 -43.84 -20.31
CA GLU E 26 8.43 -40.49 -21.95
CA HIS E 27 7.33 -38.86 -25.20
CA GLY E 28 9.43 -40.31 -28.02
CA SER E 29 10.56 -43.35 -26.03
CA CYS E 30 9.00 -46.80 -26.21
CA VAL E 31 9.23 -49.87 -24.04
CA THR E 32 8.94 -53.56 -24.81
CA THR E 33 8.18 -55.77 -21.81
CA MET E 34 8.76 -59.43 -21.44
CA ALA E 35 7.68 -61.79 -18.72
CA LYS E 36 7.76 -65.49 -19.57
CA ASN E 37 4.59 -67.49 -20.01
CA LYS E 38 3.35 -64.01 -20.62
CA PRO E 39 2.78 -61.90 -23.79
CA THR E 40 5.29 -59.38 -25.01
CA LEU E 41 4.00 -55.85 -24.82
CA ASP E 42 4.93 -52.52 -26.31
CA PHE E 43 4.31 -49.40 -24.24
CA GLU E 44 4.25 -45.82 -25.42
CA LEU E 45 3.20 -42.51 -23.85
CA ILE E 46 1.21 -40.89 -26.59
CA LYS E 47 -0.32 -37.80 -24.81
CA THR E 48 -0.26 -35.63 -21.68
CA GLU E 49 -3.35 -33.52 -21.04
CA ALA E 50 -3.85 -30.64 -18.63
CA LYS E 51 -7.46 -30.61 -17.50
CA GLN E 52 -7.44 -24.60 -17.84
CA PRO E 53 -4.29 -24.53 -15.67
CA ALA E 54 -3.64 -21.42 -13.58
CA THR E 55 -1.64 -18.55 -15.10
CA LEU E 56 1.28 -17.41 -12.94
CA ARG E 57 2.49 -14.31 -14.71
CA LYS E 58 1.85 -12.58 -18.00
CA TYR E 59 4.88 -10.90 -19.62
CA CYS E 60 4.84 -8.16 -22.21
CA ILE E 61 7.37 -8.85 -24.98
CA GLU E 62 6.49 -5.96 -27.29
CA ALA E 63 4.94 -2.56 -26.56
CA LYS E 64 4.11 0.85 -28.09
CA LEU E 65 4.18 4.30 -26.49
CA THR E 66 1.81 7.26 -26.87
CA ASN E 67 0.92 10.59 -25.20
CA THR E 68 4.52 11.30 -24.18
CA THR E 69 4.23 14.19 -21.73
CA THR E 70 6.89 16.10 -19.83
CA GLU E 71 6.97 18.76 -17.10
CA SER E 72 9.91 20.43 -15.38
CA ARG E 73 10.41 23.01 -12.64
CA CYS E 74 13.15 25.49 -11.78
CA PRO E 75 15.97 25.05 -9.29
CA THR E 76 14.77 25.29 -5.66
CA GLN E 77 11.14 24.61 -6.56
CA GLY E 78 10.71 20.97 -5.57
CA GLU E 79 9.73 17.94 -7.63
CA PRO E 80 7.24 18.39 -10.47
CA SER E 81 4.32 16.04 -11.04
CA LEU E 82 1.95 15.32 -13.91
CA ASN E 83 -1.34 13.48 -13.31
CA GLU E 84 -0.50 10.60 -15.57
CA GLU E 85 1.84 9.49 -12.76
CA GLN E 86 -1.44 8.55 -11.10
CA ASP E 87 -2.55 6.35 -14.00
CA LYS E 88 -1.14 2.84 -14.00
CA ARG E 89 -1.20 2.91 -17.81
CA PHE E 90 1.78 5.30 -17.97
CA VAL E 91 5.43 4.68 -17.26
CA CYS E 92 7.12 7.69 -15.69
CA LYS E 93 10.61 8.73 -14.62
CA HIS E 94 11.84 11.52 -12.38
CA SER E 95 15.20 13.16 -13.13
CA MET E 96 17.17 16.36 -12.68
CA VAL E 97 18.17 18.64 -15.55
CA ASP E 98 20.07 21.90 -16.09
CA ARG E 99 17.96 25.05 -16.05
CA GLY E 100 18.74 28.74 -16.15
CA TRP E 101 18.05 31.93 -18.05
CA GLY E 102 17.46 30.61 -21.52
CA ASN E 103 14.65 28.24 -20.52
CA GLY E 104 12.78 30.52 -18.11
CA CYS E 105 14.42 30.20 -14.71
CA GLY E 106 15.66 32.81 -12.27
CA LEU E 107 18.95 31.11 -11.43
CA PHE E 108 21.26 28.55 -13.00
CA GLY E 109 21.04 25.13 -11.42
CA LYS E 110 19.48 21.69 -11.59
CA GLY E 111 15.70 21.69 -11.85
CA GLY E 112 13.34 18.77 -11.42
CA ILE E 113 11.91 17.03 -14.45
CA VAL E 114 9.42 14.20 -14.95
CA THR E 115 8.14 12.51 -18.13
CA CYS E 116 5.35 9.97 -18.65
CA ALA E 117 4.25 7.91 -21.66
CA MET E 118 1.24 5.65 -22.07
CA PHE E 119 2.48 2.06 -22.34
CA ARG E 120 0.43 -0.36 -24.49
CA CYS E 121 1.31 -4.04 -24.75
CA LYS E 122 1.12 -5.48 -28.29
CA LYS E 123 2.47 -9.00 -27.68
CA ASN E 124 2.66 -10.97 -24.44
CA MET E 125 3.65 -14.45 -23.33
CA GLU E 126 2.08 -16.49 -20.52
CA GLY E 127 3.58 -18.79 -17.92
CA LYS E 128 1.18 -21.40 -16.58
CA VAL E 129 1.42 -23.69 -13.56
CA VAL E 130 -0.02 -27.15 -14.23
CA GLN E 131 -0.76 -29.40 -11.26
CA PRO E 132 -2.35 -30.35 -15.53
CA GLU E 133 -0.39 -35.26 -10.22
CA ASN E 134 -3.43 -33.68 -11.84
CA LEU E 135 -2.29 -34.18 -15.50
CA GLU E 136 -3.86 -36.97 -17.46
CA TYR E 137 -1.69 -39.35 -19.40
CA THR E 138 -2.57 -41.46 -22.37
CA VAL E 139 -0.60 -44.67 -22.98
CA VAL E 140 -0.81 -47.19 -25.77
CA ILE E 141 -0.22 -50.86 -25.14
CA THR E 142 0.41 -52.95 -28.24
CA PRO E 143 0.88 -56.72 -27.64
CA HIS E 144 3.30 -58.61 -29.92
CA SER E 145 0.54 -60.52 -31.65
CA GLY E 146 2.56 -60.81 -34.86
CA GLU E 147 -0.27 -59.43 -37.01
CA GLU E 148 0.67 -58.84 -40.68
CA HIS E 149 0.58 -55.09 -40.14
CA ALA E 150 1.48 -54.79 -36.43
CA VAL E 151 5.20 -53.89 -36.80
CA GLY E 152 5.78 -50.28 -35.80
CA ASN E 153 2.25 -49.35 -36.81
CA ASP E 154 1.83 -45.75 -35.62
CA THR E 155 -1.94 -45.67 -35.83
CA GLY E 156 -3.21 -47.10 -32.58
CA LYS E 157 -5.63 -49.70 -33.87
CA HIS E 158 -3.32 -52.53 -32.87
CA GLY E 159 -3.35 -51.29 -29.33
CA LYS E 160 -5.40 -50.22 -26.38
CA GLU E 161 -5.24 -46.63 -25.28
CA VAL E 162 -5.17 -46.15 -21.56
CA LYS E 163 -5.59 -42.94 -19.59
CA ILE E 164 -3.70 -42.79 -16.35
CA THR E 165 -5.34 -40.33 -14.12
CA PRO E 166 -2.84 -39.23 -11.50
CA GLN E 167 -5.98 -38.44 -9.88
CA SER E 168 -8.43 -40.78 -10.05
CA SER E 169 -5.94 -43.60 -9.79
CA ILE E 170 -4.61 -46.98 -10.82
CA THR E 171 -5.70 -47.97 -14.33
CA GLU E 172 -6.68 -51.49 -15.40
CA ALA E 173 -6.57 -52.85 -18.96
CA GLU E 174 -8.45 -55.19 -21.22
CA LEU E 175 -6.00 -56.85 -23.56
CA THR E 176 -8.47 -58.71 -25.74
CA GLY E 177 -7.72 -62.41 -26.06
CA TYR E 178 -4.82 -61.90 -23.65
CA GLY E 179 -6.59 -60.94 -20.45
CA THR E 180 -5.96 -57.98 -18.25
CA VAL E 181 -2.99 -55.96 -17.12
CA THR E 182 -2.63 -53.22 -14.49
CA MET E 183 -0.80 -49.93 -14.16
CA GLU E 184 0.33 -47.63 -11.37
CA CYS E 185 2.51 -44.73 -12.46
CA SER E 186 4.30 -41.82 -10.88
CA PRO E 187 4.79 -38.50 -12.70
CA ARG E 188 8.49 -37.93 -12.53
CA THR E 189 10.78 -35.10 -13.71
CA GLY E 190 13.80 -33.09 -12.77
CA LEU E 191 9.37 -30.32 -14.19
CA ASP E 192 7.45 -29.01 -11.21
CA PHE E 193 5.73 -29.71 -12.38
CA ASN E 194 6.89 -28.94 -8.85
CA GLU E 195 9.63 -26.47 -9.76
CA MET E 196 8.78 -25.79 -13.39
CA VAL E 197 6.49 -23.59 -15.51
CA LEU E 198 5.01 -23.84 -18.99
CA LEU E 199 5.87 -20.82 -21.12
CA GLN E 200 3.32 -20.18 -23.86
CA MET E 201 4.43 -17.95 -26.73
CA GLU E 202 2.17 -17.95 -29.80
CA ASN E 203 0.55 -21.40 -29.95
CA LYS E 204 3.81 -23.00 -28.76
CA ALA E 205 5.06 -23.77 -25.25
CA TRP E 206 8.23 -24.65 -23.36
CA LEU E 207 9.23 -26.20 -20.03
CA VAL E 208 11.19 -23.79 -17.81
CA HIS E 209 12.40 -23.43 -14.21
CA ARG E 210 10.32 -21.28 -11.87
CA GLN E 211 12.94 -18.78 -10.65
CA TRP E 212 14.28 -18.32 -14.19
CA PHE E 213 10.77 -17.45 -15.35
CA LEU E 214 10.06 -14.98 -12.55
CA ASP E 215 13.34 -13.10 -13.03
CA LEU E 216 12.90 -12.33 -16.73
CA PRO E 217 13.58 -8.61 -17.34
CA LEU E 218 10.14 -7.83 -18.78
CA PRO E 219 6.89 -6.11 -17.73
CA TRP E 220 4.43 -8.42 -16.01
CA LEU E 221 0.93 -8.86 -14.67
CA PRO E 222 -0.28 -11.46 -12.15
CA GLY E 223 -2.50 -14.28 -13.42
CA ALA E 224 -5.59 -12.94 -11.67
CA ASP E 225 -5.38 -9.89 -13.97
CA THR E 226 -7.87 -9.48 -16.83
CA GLN E 227 -7.74 -5.85 -17.94
CA GLY E 228 -4.10 -6.00 -19.02
CA SER E 229 -3.50 -2.26 -18.46
CA ASN E 230 -1.34 -1.95 -15.33
CA TRP E 231 1.95 -3.57 -16.26
CA ILE E 232 4.49 -3.74 -13.46
CA GLN E 233 8.14 -2.99 -14.14
CA LYS E 234 7.39 -1.24 -17.47
CA GLU E 235 10.79 0.43 -17.38
CA THR E 236 12.15 -2.88 -18.72
CA LEU E 237 11.00 -2.10 -22.29
CA VAL E 238 11.44 1.65 -22.06
CA THR E 239 14.42 3.94 -22.37
CA PHE E 240 14.27 7.51 -21.10
CA LYS E 241 16.96 9.45 -22.99
CA ASN E 242 18.92 12.30 -21.39
CA PRO E 243 16.49 15.14 -20.69
CA HIS E 244 16.58 18.75 -21.86
CA ALA E 245 15.31 21.82 -20.05
CA LYS E 246 11.62 21.26 -21.02
CA LYS E 247 11.36 18.00 -22.94
CA GLN E 248 12.68 14.45 -22.90
CA ASP E 249 12.42 11.56 -25.35
CA VAL E 250 11.30 8.07 -24.39
CA VAL E 251 11.88 5.11 -26.67
CA VAL E 252 10.52 1.59 -26.28
CA LEU E 253 12.79 -1.38 -27.04
CA GLY E 254 11.79 -3.50 -30.01
CA SER E 255 10.06 -6.89 -29.83
CA GLN E 256 11.72 -9.23 -27.36
CA GLU E 257 10.25 -12.28 -29.11
CA GLY E 258 13.37 -13.32 -31.00
CA ALA E 259 15.43 -12.69 -27.88
CA MET E 260 13.14 -15.14 -26.12
CA HIS E 261 13.47 -17.82 -28.80
CA THR E 262 17.19 -17.51 -28.04
CA ALA E 263 17.02 -17.94 -24.27
CA LEU E 264 14.72 -20.88 -25.06
CA THR E 265 17.46 -22.87 -26.78
CA GLY E 266 17.63 -26.44 -25.53
CA ALA E 267 14.37 -25.87 -23.70
CA THR E 268 11.97 -28.82 -23.74
CA GLU E 269 9.38 -27.87 -26.36
CA ILE E 270 5.90 -28.89 -25.21
CA GLN E 271 3.19 -29.83 -27.68
CA MET E 272 -0.23 -28.16 -27.39
CA SER E 273 -3.57 -27.78 -29.18
CA SER E 274 -6.82 -25.83 -28.87
CA GLY E 275 -4.86 -23.83 -26.32
CA ASN E 276 -4.30 -26.87 -24.11
CA LEU E 277 -0.96 -28.27 -23.02
CA LEU E 278 -0.06 -31.91 -23.75
CA PHE E 279 2.38 -34.27 -22.11
CA THR E 280 8.90 -32.71 -20.09
CA GLY E 281 10.22 -35.67 -18.19
CA HIS E 282 9.32 -39.19 -17.20
CA LEU E 283 6.50 -41.33 -15.93
CA LYS E 284 7.63 -44.27 -13.80
CA CYS E 285 5.19 -47.13 -13.77
CA ARG E 286 4.67 -50.56 -12.27
CA LEU E 287 2.86 -53.28 -14.24
CA ARG E 288 1.27 -56.44 -12.88
CA MET E 289 0.61 -59.22 -15.42
CA ASP E 290 -0.72 -62.07 -13.24
CA LYS E 291 -4.11 -61.63 -14.84
CA LEU E 292 -2.59 -61.92 -18.31
CA GLN E 293 -1.94 -65.04 -20.36
CA LEU E 294 -0.29 -66.16 -23.58
CA LYS E 295 -2.57 -66.69 -26.54
CA GLY E 296 -2.98 -70.11 -28.09
CA MET E 297 -1.22 -72.42 -25.63
CA SER E 298 -3.19 -75.42 -26.72
CA TYR E 299 -2.58 -74.88 -30.35
CA SER E 300 -1.03 -77.53 -32.43
CA MET E 301 2.48 -77.30 -33.75
CA CYS E 302 2.32 -76.11 -37.35
CA THR E 303 3.33 -79.08 -39.47
CA GLY E 304 3.11 -77.50 -42.92
CA LYS E 305 5.77 -75.32 -44.56
CA PHE E 306 6.38 -71.61 -44.46
CA LYS E 307 7.53 -69.08 -46.99
CA VAL E 308 9.40 -65.86 -46.29
CA VAL E 309 7.00 -63.13 -47.33
CA LYS E 310 9.15 -60.24 -46.17
CA GLU E 311 12.81 -60.53 -45.29
CA ILE E 312 14.83 -60.80 -42.09
CA ALA E 313 15.69 -57.19 -41.36
CA GLU E 314 17.73 -56.04 -38.40
CA THR E 315 16.43 -53.39 -35.96
CA GLN E 316 18.61 -50.78 -34.34
CA HIS E 317 18.95 -52.98 -31.26
CA GLY E 318 20.31 -56.19 -32.63
CA THR E 319 16.95 -57.86 -33.00
CA ILE E 320 15.71 -59.25 -36.35
CA VAL E 321 12.19 -59.13 -37.76
CA ILE E 322 10.85 -61.65 -40.28
CA ARG E 323 7.47 -62.14 -41.89
CA VAL E 324 6.47 -65.57 -42.99
CA GLN E 325 3.39 -67.13 -44.49
CA TYR E 326 2.03 -70.56 -43.58
CA GLU E 327 1.06 -72.86 -46.37
CA GLY E 328 0.36 -75.94 -44.30
CA ASP E 329 -3.08 -77.27 -43.42
CA GLY E 330 -3.23 -77.07 -39.61
CA SER E 331 -4.22 -73.46 -38.62
CA PRO E 332 -4.73 -72.30 -35.92
CA CYS E 333 -1.30 -73.51 -34.87
CA LYS E 334 2.00 -72.54 -33.18
CA ILE E 335 4.98 -71.67 -35.36
CA PRO E 336 8.06 -73.91 -34.84
CA PHE E 337 10.76 -71.29 -34.30
CA GLU E 338 14.31 -71.82 -33.10
CA ILE E 339 17.67 -70.11 -33.51
CA MET E 340 20.66 -72.45 -33.63
CA ASP E 341 24.41 -72.19 -33.91
CA LEU E 342 26.72 -73.38 -36.68
CA GLU E 343 27.21 -77.13 -35.68
CA LYS E 344 23.46 -77.45 -36.00
CA ARG E 345 22.67 -78.32 -32.37
CA HIS E 346 22.51 -75.85 -29.48
CA VAL E 347 19.77 -73.13 -29.34
CA LEU E 348 21.38 -69.65 -29.16
CA GLY E 349 18.55 -67.16 -29.39
CA ARG E 350 15.43 -65.94 -27.67
CA LEU E 351 12.16 -64.81 -29.17
CA ILE E 352 10.90 -61.32 -28.50
CA THR E 353 7.56 -62.04 -30.18
CA VAL E 354 6.85 -64.97 -27.91
CA ASN E 355 4.58 -67.87 -28.82
CA PRO E 356 4.30 -67.15 -32.58
CA ILE E 357 1.06 -68.60 -34.03
CA VAL E 358 -0.62 -68.82 -37.41
CA THR E 359 -4.20 -67.61 -37.28
CA GLU E 360 -5.23 -67.77 -40.94
CA LYS E 361 -3.65 -69.57 -43.91
CA ASP E 362 -3.21 -66.43 -45.98
CA SER E 363 -2.42 -63.87 -43.25
CA PRO E 364 1.34 -63.39 -42.76
CA VAL E 365 2.90 -63.40 -39.31
CA ASN E 366 5.65 -61.11 -38.07
CA ILE E 367 8.20 -62.43 -35.59
CA GLU E 368 10.91 -60.50 -33.79
CA ALA E 369 13.79 -62.45 -32.35
CA GLU E 370 17.08 -61.75 -30.71
CA PRO E 371 19.81 -63.79 -32.44
CA PRO E 372 23.21 -64.24 -30.83
CA PHE E 373 26.18 -62.20 -32.01
CA GLY E 374 27.75 -63.39 -35.20
CA ASP E 375 26.69 -66.47 -37.17
CA SER E 376 23.41 -68.11 -36.31
CA TYR E 377 20.49 -70.01 -37.83
CA ILE E 378 16.85 -69.15 -38.14
CA ILE E 379 14.93 -72.39 -38.50
CA ILE E 380 11.27 -71.89 -39.25
CA GLY E 381 8.88 -74.81 -39.27
CA VAL E 382 9.68 -78.49 -39.19
CA GLU E 383 10.99 -80.76 -41.92
CA PRO E 384 9.87 -81.32 -44.73
CA GLY E 385 10.75 -77.97 -46.31
CA GLN E 386 11.85 -76.46 -43.05
CA LEU E 387 13.27 -72.94 -43.55
CA LYS E 388 16.92 -72.61 -42.49
CA LEU E 389 17.95 -69.01 -42.79
CA ASP E 390 21.52 -67.93 -42.06
CA TRP E 391 22.11 -64.68 -40.18
CA PHE E 392 25.16 -62.74 -39.01
CA LYS E 393 25.01 -60.24 -36.21
CA LYS E 394 26.92 -57.01 -35.83
CA GLY E 395 29.75 -56.25 -34.26
CA PHE F 1 -3.61 25.80 -34.95
CA HIS F 2 -6.13 24.33 -32.50
CA LEU F 3 -6.12 26.22 -29.20
CA THR F 4 -7.38 24.50 -26.04
CA THR F 5 -6.40 24.34 -22.37
CA ARG F 6 -4.39 22.15 -19.99
CA ASN F 7 -4.99 22.93 -16.31
CA GLY F 8 -5.90 26.55 -17.02
CA GLU F 9 -2.96 27.29 -19.30
CA PRO F 10 -3.14 27.77 -23.07
CA HIS F 11 -2.39 24.57 -25.02
CA MET F 12 -1.53 24.41 -28.76
CA ILE F 13 -2.22 21.30 -30.85
CA VAL F 14 0.18 22.00 -33.72
CA SER F 15 0.04 20.23 -37.07
CA ARG F 16 2.53 19.58 -39.90
CA GLN F 17 1.17 22.57 -41.87
CA GLU F 18 2.42 25.08 -39.28
CA LYS F 19 6.08 24.05 -39.42
CA GLY F 20 8.19 27.18 -39.78
CA LYS F 21 5.81 29.89 -38.64
CA SER F 22 5.18 32.08 -35.61
CA LEU F 23 2.22 30.94 -33.59
CA LEU F 24 0.01 33.87 -32.55
CA PHE F 25 -3.08 33.96 -30.38
CA LYS F 26 -5.15 36.57 -28.52
CA THR F 27 -4.59 36.85 -24.79
CA GLU F 28 -6.19 39.05 -22.12
CA ASP F 29 -2.87 40.86 -21.83
CA GLY F 30 -2.04 41.23 -25.52
CA VAL F 31 -0.98 39.17 -28.52
CA ASN F 32 1.01 36.08 -27.52
CA MET F 33 3.68 34.89 -29.92
CA CYS F 34 5.16 31.43 -29.43
CA THR F 35 8.15 30.16 -31.42
CA LEU F 36 8.44 26.50 -32.44
CA MET F 37 11.87 25.24 -33.56
CA ALA F 38 11.05 21.49 -33.16
CA MET F 39 12.94 19.74 -35.98
CA ASP F 40 10.85 16.58 -35.45
CA LEU F 41 7.50 18.31 -36.10
CA GLY F 42 5.44 15.98 -38.29
CA GLU F 43 1.87 14.72 -38.81
CA LEU F 44 -0.60 14.55 -35.94
CA CYS F 45 -0.79 10.87 -35.02
CA GLU F 46 -0.67 8.46 -32.11
CA ASP F 47 2.96 9.50 -31.74
CA THR F 48 2.42 12.84 -30.03
CA LEU F 49 4.84 14.80 -27.89
CA THR F 50 3.56 17.24 -25.22
CA TYR F 51 5.58 19.80 -23.29
CA LYS F 52 5.73 23.45 -22.27
CA CYS F 53 7.09 26.52 -24.05
CA PRO F 54 8.38 28.85 -21.30
CA LEU F 55 8.08 32.61 -21.27
CA LEU F 56 11.30 34.18 -22.62
CA ARG F 57 12.12 37.87 -22.97
CA GLN F 58 15.36 39.84 -23.18
CA ASN F 59 17.15 36.51 -22.88
CA GLU F 60 18.51 34.02 -25.45
CA PRO F 61 16.88 30.54 -25.67
CA GLU F 62 18.98 27.68 -24.33
CA ASP F 63 18.32 23.94 -24.56
CA ILE F 64 14.71 24.38 -25.75
CA ASP F 65 12.92 24.37 -29.10
CA CYS F 66 9.78 26.20 -28.00
CA TRP F 67 9.15 29.48 -26.16
CA CYS F 68 6.69 32.42 -26.05
CA ASN F 69 6.95 36.24 -25.65
CA SER F 70 4.04 36.92 -23.26
CA THR F 71 2.50 33.87 -21.60
CA SER F 72 3.82 30.35 -21.01
CA THR F 73 2.05 27.84 -23.29
CA TRP F 74 1.73 24.04 -23.63
CA VAL F 75 2.45 22.53 -27.06
CA THR F 76 1.49 19.18 -28.58
CA TYR F 77 2.48 17.75 -31.97
CA GLY F 78 2.98 14.47 -33.82
CA THR F 79 6.14 13.04 -35.38
CA CYS F 80 4.71 10.91 -38.22
CA THR F 81 5.74 11.45 -41.85
#